data_8TTD
#
_entry.id   8TTD
#
_cell.length_a   43.342
_cell.length_b   43.342
_cell.length_c   165.139
_cell.angle_alpha   90.00
_cell.angle_beta   90.00
_cell.angle_gamma   120.00
#
_symmetry.space_group_name_H-M   'P 32 2 1'
#
loop_
_entity.id
_entity.type
_entity.pdbx_description
1 polymer 'Vacuolar protein sorting-associated protein 29'
2 polymer SER-ASN-ILE-PHE-ASP-ASP-PRO-LEU-ASN-ALA-PHE-GLY-GLY-GLN
3 non-polymer 'FORMIC ACID'
4 water water
#
loop_
_entity_poly.entity_id
_entity_poly.type
_entity_poly.pdbx_seq_one_letter_code
_entity_poly.pdbx_strand_id
1 'polypeptide(L)'
;GSMAGHRLVLVLGDLHIPHRCNSLPAKFKKLLVPGKIQHILCTGNLCTKESYDYLKTLAGDVHIVRGDFDENLNYPEQKV
VTVGQFKIGLIHGHQVIPWGDMASLALLQRQFDVDILISGHTHKFEAFEHENKFYINPGSATGAYNALETNIIPSFVLMD
IQASTVVTYVYQLIGDDVKVERIEYKKS
;
A
2 'polypeptide(L)' SNIFDDPLNAFGGQ B
#
# COMPACT_ATOMS: atom_id res chain seq x y z
N ALA A 4 0.47 0.26 21.98
CA ALA A 4 1.58 0.51 22.91
C ALA A 4 2.76 1.14 22.18
N GLY A 5 3.85 0.39 22.05
CA GLY A 5 5.00 0.91 21.36
C GLY A 5 4.99 0.64 19.86
N HIS A 6 3.82 0.30 19.33
CA HIS A 6 3.72 -0.09 17.93
CA HIS A 6 3.68 -0.09 17.93
C HIS A 6 3.44 1.13 17.04
N ARG A 7 3.89 1.03 15.80
CA ARG A 7 3.62 2.03 14.78
C ARG A 7 2.81 1.36 13.68
N LEU A 8 1.58 1.83 13.49
CA LEU A 8 0.66 1.24 12.53
C LEU A 8 0.70 2.04 11.24
N VAL A 9 1.01 1.36 10.14
CA VAL A 9 1.17 2.00 8.82
C VAL A 9 0.15 1.40 7.86
N LEU A 10 -0.71 2.23 7.29
CA LEU A 10 -1.63 1.77 6.25
C LEU A 10 -0.96 1.90 4.88
N VAL A 11 -1.03 0.83 4.10
CA VAL A 11 -0.45 0.76 2.77
C VAL A 11 -1.56 0.41 1.79
N LEU A 12 -1.80 1.30 0.82
CA LEU A 12 -2.90 1.08 -0.11
C LEU A 12 -2.61 1.88 -1.37
N GLY A 13 -3.46 1.72 -2.37
CA GLY A 13 -3.29 2.50 -3.57
C GLY A 13 -4.18 1.97 -4.68
N ASP A 14 -3.97 2.56 -5.86
CA ASP A 14 -4.72 2.24 -7.08
C ASP A 14 -6.21 2.25 -6.81
N LEU A 15 -6.68 3.34 -6.18
CA LEU A 15 -8.11 3.46 -5.91
C LEU A 15 -8.88 3.76 -7.18
N HIS A 16 -8.33 4.62 -8.05
CA HIS A 16 -8.95 5.07 -9.29
C HIS A 16 -10.36 5.61 -9.06
N ILE A 17 -10.50 6.42 -8.01
CA ILE A 17 -11.73 7.18 -7.79
C ILE A 17 -11.57 8.56 -8.43
N PRO A 18 -12.58 9.03 -9.17
CA PRO A 18 -13.88 8.41 -9.45
C PRO A 18 -14.00 7.78 -10.83
N HIS A 19 -12.90 7.64 -11.57
CA HIS A 19 -13.00 7.18 -12.95
C HIS A 19 -13.44 5.72 -13.02
N ARG A 20 -12.82 4.84 -12.23
CA ARG A 20 -13.11 3.42 -12.28
C ARG A 20 -13.95 2.92 -11.12
N CYS A 21 -13.94 3.61 -9.98
CA CYS A 21 -14.72 3.22 -8.82
C CYS A 21 -15.17 4.48 -8.12
N ASN A 22 -16.25 4.37 -7.35
CA ASN A 22 -16.76 5.51 -6.61
C ASN A 22 -16.31 5.55 -5.15
N SER A 23 -15.97 4.41 -4.56
CA SER A 23 -15.68 4.35 -3.14
CA SER A 23 -15.67 4.36 -3.13
C SER A 23 -14.96 3.05 -2.83
N LEU A 24 -14.29 3.03 -1.67
CA LEU A 24 -13.78 1.78 -1.15
C LEU A 24 -14.96 0.87 -0.83
N PRO A 25 -14.74 -0.44 -0.79
CA PRO A 25 -15.83 -1.34 -0.38
C PRO A 25 -16.36 -0.96 0.99
N ALA A 26 -17.67 -1.14 1.17
CA ALA A 26 -18.32 -0.73 2.41
C ALA A 26 -17.67 -1.39 3.61
N LYS A 27 -17.24 -2.65 3.46
CA LYS A 27 -16.66 -3.37 4.57
C LYS A 27 -15.21 -2.98 4.83
N PHE A 28 -14.54 -2.32 3.88
CA PHE A 28 -13.24 -1.74 4.18
C PHE A 28 -13.41 -0.44 4.96
N LYS A 29 -14.43 0.34 4.63
CA LYS A 29 -14.59 1.63 5.28
C LYS A 29 -14.97 1.47 6.75
N LYS A 30 -15.60 0.38 7.12
CA LYS A 30 -15.95 0.17 8.49
C LYS A 30 -14.72 -0.09 9.32
N LEU A 31 -13.72 -0.71 8.74
CA LEU A 31 -12.47 -1.00 9.42
C LEU A 31 -11.49 0.16 9.43
N LEU A 32 -11.58 1.07 8.48
CA LEU A 32 -10.64 2.19 8.39
C LEU A 32 -11.28 3.36 9.14
N VAL A 33 -11.00 3.42 10.45
CA VAL A 33 -11.54 4.46 11.31
C VAL A 33 -10.41 5.42 11.67
N PRO A 34 -10.71 6.67 11.99
CA PRO A 34 -9.65 7.61 12.36
C PRO A 34 -9.04 7.27 13.71
N GLY A 35 -7.90 7.88 13.96
CA GLY A 35 -7.26 7.86 15.26
C GLY A 35 -6.55 6.58 15.61
N LYS A 36 -6.42 5.64 14.70
CA LYS A 36 -5.68 4.41 14.96
C LYS A 36 -4.38 4.31 14.16
N ILE A 37 -4.39 4.76 12.91
CA ILE A 37 -3.23 4.65 12.03
C ILE A 37 -2.29 5.84 12.26
N GLN A 38 -0.98 5.55 12.39
CA GLN A 38 0.03 6.61 12.56
C GLN A 38 0.47 7.19 11.21
N HIS A 39 0.65 6.36 10.19
CA HIS A 39 1.17 6.82 8.90
C HIS A 39 0.46 6.12 7.77
N ILE A 40 0.32 6.81 6.65
CA ILE A 40 -0.24 6.20 5.44
C ILE A 40 0.78 6.31 4.32
N LEU A 41 1.10 5.17 3.72
CA LEU A 41 1.93 5.12 2.51
C LEU A 41 1.08 4.67 1.36
N CYS A 42 0.90 5.56 0.39
CA CYS A 42 -0.01 5.28 -0.70
C CYS A 42 0.78 5.15 -1.99
N THR A 43 0.54 4.08 -2.76
CA THR A 43 1.26 3.88 -4.01
C THR A 43 0.77 4.77 -5.15
N GLY A 44 -0.31 5.52 -4.99
CA GLY A 44 -0.71 6.43 -6.04
C GLY A 44 -1.98 5.96 -6.74
N ASN A 45 -2.37 6.74 -7.74
CA ASN A 45 -3.62 6.57 -8.51
C ASN A 45 -4.83 6.65 -7.59
N LEU A 46 -5.00 7.85 -7.01
CA LEU A 46 -6.13 8.13 -6.11
C LEU A 46 -7.53 8.29 -6.72
N CYS A 47 -7.75 9.11 -7.77
CA CYS A 47 -6.76 9.91 -8.50
C CYS A 47 -6.94 11.41 -8.32
N THR A 48 -7.84 11.80 -7.43
CA THR A 48 -8.19 13.21 -7.27
C THR A 48 -8.06 13.58 -5.81
N LYS A 49 -8.26 14.86 -5.53
CA LYS A 49 -8.06 15.38 -4.19
C LYS A 49 -9.07 14.82 -3.19
N GLU A 50 -10.25 14.41 -3.67
CA GLU A 50 -11.25 13.84 -2.77
C GLU A 50 -10.70 12.62 -2.04
N SER A 51 -9.92 11.79 -2.73
CA SER A 51 -9.39 10.63 -2.02
C SER A 51 -8.22 10.99 -1.12
N TYR A 52 -7.42 11.99 -1.50
CA TYR A 52 -6.38 12.49 -0.60
C TYR A 52 -7.00 12.99 0.71
N ASP A 53 -8.09 13.77 0.60
CA ASP A 53 -8.78 14.25 1.80
C ASP A 53 -9.31 13.07 2.63
N TYR A 54 -9.81 12.04 1.97
CA TYR A 54 -10.28 10.87 2.72
C TYR A 54 -9.13 10.25 3.51
N LEU A 55 -7.96 10.08 2.88
CA LEU A 55 -6.81 9.53 3.62
C LEU A 55 -6.45 10.42 4.80
N LYS A 56 -6.55 11.74 4.63
CA LYS A 56 -6.23 12.64 5.73
C LYS A 56 -7.18 12.48 6.93
N THR A 57 -8.41 12.03 6.72
CA THR A 57 -9.28 11.76 7.87
C THR A 57 -8.84 10.53 8.64
N LEU A 58 -7.99 9.71 8.06
CA LEU A 58 -7.56 8.48 8.73
C LEU A 58 -6.28 8.68 9.53
N ALA A 59 -5.37 9.53 9.05
CA ALA A 59 -4.11 9.77 9.73
C ALA A 59 -3.62 11.15 9.34
N GLY A 60 -2.86 11.77 10.24
CA GLY A 60 -2.23 13.05 9.93
C GLY A 60 -1.08 12.97 8.96
N ASP A 61 -0.41 11.82 8.88
CA ASP A 61 0.82 11.70 8.10
C ASP A 61 0.57 10.83 6.88
N VAL A 62 0.26 11.46 5.74
CA VAL A 62 -0.04 10.75 4.50
C VAL A 62 1.10 10.96 3.52
N HIS A 63 1.60 9.86 2.94
CA HIS A 63 2.70 9.86 2.00
C HIS A 63 2.21 9.26 0.71
N ILE A 64 2.24 10.02 -0.33
CA ILE A 64 1.81 9.56 -1.65
CA ILE A 64 1.80 9.58 -1.66
C ILE A 64 2.83 9.77 -2.87
N VAL A 65 3.01 8.68 -3.60
CA VAL A 65 3.88 8.80 -4.78
C VAL A 65 2.98 8.86 -6.01
N ARG A 66 3.54 9.34 -7.12
CA ARG A 66 2.75 9.67 -8.30
C ARG A 66 2.45 8.45 -9.15
N GLY A 67 1.15 8.13 -9.30
CA GLY A 67 0.73 7.10 -10.22
C GLY A 67 0.51 7.67 -11.60
N ASP A 68 0.36 6.77 -12.57
CA ASP A 68 0.25 7.20 -13.96
C ASP A 68 -1.10 7.81 -14.29
N PHE A 69 -2.08 7.75 -13.39
CA PHE A 69 -3.37 8.41 -13.62
C PHE A 69 -3.68 9.48 -12.58
N ASP A 70 -2.73 9.81 -11.71
CA ASP A 70 -2.97 10.84 -10.70
C ASP A 70 -3.08 12.22 -11.33
N GLU A 71 -4.07 12.99 -10.85
CA GLU A 71 -4.21 14.36 -11.31
C GLU A 71 -3.13 15.26 -10.71
N ASN A 72 -2.65 14.94 -9.52
CA ASN A 72 -1.72 15.79 -8.82
C ASN A 72 -0.31 15.51 -9.31
N LEU A 73 0.27 16.41 -10.09
CA LEU A 73 1.62 16.20 -10.58
C LEU A 73 2.68 16.68 -9.59
N ASN A 74 2.28 17.11 -8.39
CA ASN A 74 3.26 17.50 -7.39
C ASN A 74 3.78 16.32 -6.58
N TYR A 75 3.06 15.21 -6.55
CA TYR A 75 3.50 14.03 -5.82
C TYR A 75 4.84 13.57 -6.35
N PRO A 76 5.77 13.15 -5.49
CA PRO A 76 7.06 12.66 -5.98
C PRO A 76 6.90 11.35 -6.72
N GLU A 77 7.86 11.08 -7.62
CA GLU A 77 7.90 9.82 -8.34
C GLU A 77 8.12 8.63 -7.40
N GLN A 78 8.98 8.82 -6.40
CA GLN A 78 9.30 7.80 -5.42
C GLN A 78 9.71 8.51 -4.14
N LYS A 79 9.71 7.75 -3.05
CA LYS A 79 9.88 8.27 -1.71
C LYS A 79 10.56 7.20 -0.87
N VAL A 80 11.50 7.61 -0.02
CA VAL A 80 12.11 6.73 0.96
C VAL A 80 11.85 7.32 2.33
N VAL A 81 11.23 6.55 3.21
CA VAL A 81 10.97 6.99 4.57
C VAL A 81 11.58 5.99 5.54
N THR A 82 11.75 6.44 6.78
CA THR A 82 12.16 5.57 7.87
C THR A 82 11.06 5.55 8.91
N VAL A 83 10.60 4.35 9.26
CA VAL A 83 9.62 4.17 10.34
C VAL A 83 10.25 3.19 11.33
N GLY A 84 10.37 3.60 12.58
CA GLY A 84 11.09 2.78 13.54
C GLY A 84 12.49 2.50 13.04
N GLN A 85 12.85 1.22 13.01
CA GLN A 85 14.17 0.79 12.55
C GLN A 85 14.21 0.46 11.06
N PHE A 86 13.12 0.65 10.33
CA PHE A 86 12.99 0.17 8.96
C PHE A 86 13.02 1.32 7.96
N LYS A 87 13.91 1.23 6.97
CA LYS A 87 13.86 2.07 5.78
C LYS A 87 12.90 1.45 4.78
N ILE A 88 11.97 2.24 4.27
CA ILE A 88 10.90 1.77 3.40
C ILE A 88 10.92 2.60 2.13
N GLY A 89 10.96 1.92 0.98
CA GLY A 89 10.84 2.56 -0.32
C GLY A 89 9.43 2.47 -0.85
N LEU A 90 9.01 3.49 -1.60
CA LEU A 90 7.64 3.56 -2.10
C LEU A 90 7.65 4.07 -3.52
N ILE A 91 6.98 3.35 -4.43
CA ILE A 91 6.91 3.80 -5.81
C ILE A 91 5.65 3.18 -6.40
N HIS A 92 5.06 3.84 -7.40
CA HIS A 92 3.79 3.33 -7.87
C HIS A 92 3.96 1.99 -8.59
N GLY A 93 5.02 1.86 -9.39
CA GLY A 93 5.36 0.59 -10.01
C GLY A 93 5.15 0.52 -11.51
N HIS A 94 4.48 1.49 -12.13
CA HIS A 94 4.42 1.50 -13.59
C HIS A 94 5.78 1.76 -14.23
N GLN A 95 6.82 2.10 -13.44
CA GLN A 95 8.17 2.26 -13.95
C GLN A 95 9.01 0.99 -13.85
N VAL A 96 8.51 -0.05 -13.20
CA VAL A 96 9.23 -1.30 -13.02
C VAL A 96 8.92 -2.19 -14.23
N ILE A 97 9.94 -2.48 -15.04
CA ILE A 97 9.75 -3.24 -16.28
C ILE A 97 10.50 -4.58 -16.24
N PRO A 98 9.79 -5.69 -16.55
CA PRO A 98 8.34 -5.76 -16.76
C PRO A 98 7.59 -5.64 -15.44
N TRP A 99 6.26 -5.48 -15.48
CA TRP A 99 5.49 -5.22 -14.26
C TRP A 99 5.70 -6.31 -13.23
N GLY A 100 5.96 -5.89 -11.99
CA GLY A 100 6.04 -6.80 -10.87
C GLY A 100 7.18 -7.81 -10.90
N ASP A 101 8.12 -7.64 -11.81
CA ASP A 101 9.27 -8.55 -11.88
C ASP A 101 10.18 -8.32 -10.69
N MET A 102 10.49 -9.40 -9.98
CA MET A 102 11.23 -9.21 -8.74
C MET A 102 12.69 -8.87 -8.99
N ALA A 103 13.26 -9.27 -10.13
CA ALA A 103 14.60 -8.81 -10.49
C ALA A 103 14.63 -7.29 -10.64
N SER A 104 13.66 -6.74 -11.38
CA SER A 104 13.58 -5.29 -11.53
C SER A 104 13.32 -4.62 -10.19
N LEU A 105 12.43 -5.20 -9.37
CA LEU A 105 12.19 -4.65 -8.04
C LEU A 105 13.45 -4.72 -7.18
N ALA A 106 14.24 -5.79 -7.32
CA ALA A 106 15.41 -5.94 -6.46
C ALA A 106 16.45 -4.86 -6.72
N LEU A 107 16.65 -4.48 -7.99
CA LEU A 107 17.59 -3.42 -8.30
C LEU A 107 17.19 -2.10 -7.65
N LEU A 108 15.89 -1.78 -7.65
CA LEU A 108 15.42 -0.58 -6.95
C LEU A 108 15.69 -0.67 -5.46
N GLN A 109 15.44 -1.85 -4.86
CA GLN A 109 15.74 -2.04 -3.45
C GLN A 109 17.18 -1.66 -3.13
N ARG A 110 18.13 -2.19 -3.91
CA ARG A 110 19.54 -1.85 -3.73
C ARG A 110 19.80 -0.38 -4.02
N GLN A 111 19.12 0.16 -5.04
CA GLN A 111 19.31 1.55 -5.40
C GLN A 111 18.86 2.48 -4.27
N PHE A 112 17.71 2.16 -3.66
CA PHE A 112 17.19 2.92 -2.53
C PHE A 112 17.82 2.52 -1.21
N ASP A 113 18.41 1.32 -1.14
CA ASP A 113 18.97 0.76 0.09
C ASP A 113 17.91 0.68 1.20
N VAL A 114 16.75 0.10 0.87
CA VAL A 114 15.63 0.01 1.80
C VAL A 114 15.45 -1.42 2.26
N ASP A 115 14.86 -1.57 3.45
CA ASP A 115 14.55 -2.89 4.00
C ASP A 115 13.25 -3.42 3.44
N ILE A 116 12.32 -2.53 3.08
CA ILE A 116 11.00 -2.90 2.57
C ILE A 116 10.75 -2.05 1.34
N LEU A 117 10.34 -2.68 0.25
CA LEU A 117 9.99 -1.93 -0.96
C LEU A 117 8.50 -2.08 -1.22
N ILE A 118 7.77 -0.97 -1.28
CA ILE A 118 6.34 -0.98 -1.57
C ILE A 118 6.11 -0.52 -2.99
N SER A 119 5.36 -1.30 -3.76
CA SER A 119 5.01 -0.88 -5.12
C SER A 119 3.58 -1.31 -5.42
N GLY A 120 2.99 -0.72 -6.46
CA GLY A 120 1.63 -1.06 -6.83
C GLY A 120 1.52 -1.40 -8.29
N HIS A 121 0.54 -0.79 -8.97
CA HIS A 121 0.33 -0.85 -10.43
C HIS A 121 -0.14 -2.15 -11.05
N THR A 122 -0.20 -3.24 -10.28
CA THR A 122 -0.52 -4.53 -10.90
C THR A 122 -1.94 -4.85 -10.43
N HIS A 123 -2.40 -4.21 -9.35
CA HIS A 123 -3.67 -4.52 -8.68
C HIS A 123 -3.70 -5.97 -8.20
N LYS A 124 -2.56 -6.53 -7.84
CA LYS A 124 -2.49 -7.89 -7.32
C LYS A 124 -1.68 -7.83 -6.02
N PHE A 125 -2.33 -8.16 -4.90
CA PHE A 125 -1.59 -8.15 -3.65
C PHE A 125 -0.46 -9.17 -3.70
N GLU A 126 0.72 -8.77 -3.24
CA GLU A 126 1.81 -9.72 -3.01
C GLU A 126 2.67 -9.22 -1.86
N ALA A 127 3.11 -10.14 -1.01
CA ALA A 127 4.03 -9.78 0.07
C ALA A 127 4.94 -10.97 0.32
N PHE A 128 6.24 -10.79 0.08
CA PHE A 128 7.18 -11.90 0.17
C PHE A 128 8.54 -11.36 0.59
N GLU A 129 9.34 -12.25 1.18
CA GLU A 129 10.70 -11.93 1.60
C GLU A 129 11.67 -12.57 0.62
N HIS A 130 12.69 -11.82 0.23
CA HIS A 130 13.58 -12.26 -0.85
C HIS A 130 14.96 -11.69 -0.60
N GLU A 131 15.93 -12.57 -0.35
CA GLU A 131 17.30 -12.19 -0.06
C GLU A 131 17.34 -11.08 0.99
N ASN A 132 16.84 -11.41 2.19
CA ASN A 132 16.86 -10.57 3.38
C ASN A 132 15.90 -9.37 3.33
N LYS A 133 15.36 -9.04 2.15
CA LYS A 133 14.52 -7.86 1.99
C LYS A 133 13.05 -8.26 1.83
N PHE A 134 12.17 -7.29 2.10
CA PHE A 134 10.72 -7.52 2.10
C PHE A 134 10.06 -6.65 1.03
N TYR A 135 9.15 -7.26 0.26
CA TYR A 135 8.48 -6.63 -0.87
C TYR A 135 6.97 -6.71 -0.69
N ILE A 136 6.29 -5.57 -0.77
CA ILE A 136 4.86 -5.49 -0.54
C ILE A 136 4.19 -4.81 -1.73
N ASN A 137 3.13 -5.42 -2.25
CA ASN A 137 2.21 -4.73 -3.14
C ASN A 137 0.83 -4.82 -2.50
N PRO A 138 0.18 -3.72 -2.13
CA PRO A 138 -1.11 -3.86 -1.41
C PRO A 138 -2.27 -4.23 -2.32
N GLY A 139 -2.05 -4.32 -3.63
CA GLY A 139 -3.19 -4.49 -4.55
C GLY A 139 -3.95 -3.17 -4.66
N SER A 140 -5.18 -3.27 -5.17
CA SER A 140 -6.06 -2.10 -5.33
C SER A 140 -7.13 -2.10 -4.23
N ALA A 141 -7.20 -1.01 -3.47
CA ALA A 141 -8.13 -1.00 -2.34
C ALA A 141 -9.58 -0.94 -2.77
N THR A 142 -9.88 -0.54 -4.02
CA THR A 142 -11.24 -0.53 -4.54
C THR A 142 -11.54 -1.73 -5.42
N GLY A 143 -10.55 -2.57 -5.71
CA GLY A 143 -10.74 -3.63 -6.68
C GLY A 143 -10.87 -3.11 -8.09
N ALA A 144 -10.30 -1.94 -8.37
CA ALA A 144 -10.51 -1.27 -9.66
C ALA A 144 -9.95 -2.13 -10.78
N TYR A 145 -10.64 -2.10 -11.91
CA TYR A 145 -10.14 -2.86 -13.05
C TYR A 145 -8.77 -2.34 -13.48
N ASN A 146 -8.07 -3.21 -14.19
CA ASN A 146 -6.68 -3.05 -14.56
C ASN A 146 -6.57 -3.21 -16.07
N ALA A 147 -5.43 -2.81 -16.62
CA ALA A 147 -5.07 -3.06 -18.01
C ALA A 147 -4.42 -4.44 -18.22
N LEU A 148 -5.01 -5.38 -17.53
CA LEU A 148 -4.69 -6.79 -17.55
C LEU A 148 -5.78 -7.52 -16.74
N GLU A 149 -6.53 -6.74 -15.93
CA GLU A 149 -7.59 -7.17 -15.05
C GLU A 149 -7.60 -8.54 -14.53
N THR A 150 -8.41 -9.44 -15.11
CA THR A 150 -8.82 -10.78 -14.65
C THR A 150 -9.16 -10.90 -13.18
N ASN A 151 -10.36 -10.43 -12.80
CA ASN A 151 -10.98 -10.64 -11.49
C ASN A 151 -10.11 -9.99 -10.41
N ILE A 152 -10.21 -8.67 -10.23
CA ILE A 152 -9.40 -7.99 -9.24
C ILE A 152 -10.11 -8.05 -7.89
N ILE A 153 -9.36 -8.41 -6.86
CA ILE A 153 -9.87 -8.55 -5.50
C ILE A 153 -9.46 -7.29 -4.73
N PRO A 154 -10.42 -6.55 -4.16
CA PRO A 154 -10.03 -5.37 -3.36
C PRO A 154 -9.16 -5.76 -2.19
N SER A 155 -8.15 -4.95 -1.89
CA SER A 155 -7.26 -5.29 -0.79
C SER A 155 -6.46 -4.09 -0.34
N PHE A 156 -5.97 -4.20 0.89
CA PHE A 156 -5.02 -3.25 1.43
C PHE A 156 -4.23 -3.95 2.52
N VAL A 157 -3.21 -3.27 3.01
CA VAL A 157 -2.22 -3.84 3.91
C VAL A 157 -2.07 -2.92 5.11
N LEU A 158 -1.88 -3.52 6.29
CA LEU A 158 -1.50 -2.79 7.49
C LEU A 158 -0.19 -3.37 8.00
N MET A 159 0.81 -2.52 8.20
CA MET A 159 2.07 -2.93 8.82
C MET A 159 2.09 -2.54 10.29
N ASP A 160 2.37 -3.50 11.17
CA ASP A 160 2.54 -3.30 12.60
C ASP A 160 4.04 -3.36 12.86
N ILE A 161 4.67 -2.20 13.05
CA ILE A 161 6.12 -2.13 13.18
C ILE A 161 6.46 -1.94 14.66
N GLN A 162 7.19 -2.91 15.23
CA GLN A 162 7.60 -2.83 16.62
C GLN A 162 8.93 -3.56 16.73
N ALA A 163 9.94 -2.85 17.21
CA ALA A 163 11.34 -3.30 17.30
C ALA A 163 11.80 -3.84 15.95
N SER A 164 12.44 -5.01 15.89
CA SER A 164 13.07 -5.60 14.72
C SER A 164 12.10 -6.30 13.78
N THR A 165 10.80 -6.24 14.05
CA THR A 165 9.82 -7.05 13.32
C THR A 165 8.74 -6.18 12.69
N VAL A 166 8.31 -6.58 11.51
CA VAL A 166 7.14 -6.02 10.85
C VAL A 166 6.10 -7.13 10.74
N VAL A 167 4.94 -6.91 11.32
CA VAL A 167 3.80 -7.80 11.14
C VAL A 167 2.91 -7.15 10.08
N THR A 168 2.85 -7.76 8.90
CA THR A 168 2.02 -7.25 7.81
C THR A 168 0.68 -7.98 7.79
N TYR A 169 -0.41 -7.23 7.85
CA TYR A 169 -1.76 -7.77 7.80
C TYR A 169 -2.35 -7.44 6.44
N VAL A 170 -2.89 -8.43 5.77
CA VAL A 170 -3.49 -8.26 4.45
C VAL A 170 -4.99 -8.40 4.61
N TYR A 171 -5.72 -7.39 4.18
CA TYR A 171 -7.19 -7.42 4.19
C TYR A 171 -7.63 -7.58 2.74
N GLN A 172 -8.38 -8.64 2.45
CA GLN A 172 -8.87 -8.86 1.10
C GLN A 172 -10.38 -9.02 1.16
N LEU A 173 -11.07 -8.50 0.15
CA LEU A 173 -12.50 -8.72 0.03
C LEU A 173 -12.73 -9.89 -0.93
N ILE A 174 -13.15 -11.04 -0.39
CA ILE A 174 -13.28 -12.28 -1.15
C ILE A 174 -14.71 -12.78 -0.93
N GLY A 175 -15.44 -12.94 -2.04
CA GLY A 175 -16.89 -12.93 -1.93
C GLY A 175 -17.31 -11.56 -1.42
N ASP A 176 -18.08 -11.56 -0.34
CA ASP A 176 -18.44 -10.32 0.34
C ASP A 176 -18.00 -10.38 1.79
N ASP A 177 -16.88 -11.07 2.04
CA ASP A 177 -16.32 -11.26 3.37
C ASP A 177 -14.88 -10.80 3.37
N VAL A 178 -14.45 -10.18 4.47
CA VAL A 178 -13.09 -9.69 4.61
C VAL A 178 -12.23 -10.82 5.15
N LYS A 179 -11.28 -11.29 4.34
CA LYS A 179 -10.30 -12.28 4.76
C LYS A 179 -9.02 -11.57 5.17
N VAL A 180 -8.52 -11.84 6.37
CA VAL A 180 -7.28 -11.25 6.86
C VAL A 180 -6.21 -12.33 6.93
N GLU A 181 -5.06 -12.06 6.34
CA GLU A 181 -3.89 -12.91 6.49
C GLU A 181 -2.75 -12.12 7.12
N ARG A 182 -1.85 -12.83 7.80
CA ARG A 182 -0.77 -12.22 8.57
C ARG A 182 0.57 -12.81 8.12
N ILE A 183 1.52 -11.95 7.75
CA ILE A 183 2.88 -12.36 7.39
C ILE A 183 3.88 -11.58 8.23
N GLU A 184 4.91 -12.26 8.72
CA GLU A 184 5.89 -11.64 9.60
C GLU A 184 7.24 -11.47 8.90
N TYR A 185 7.89 -10.33 9.13
CA TYR A 185 9.21 -10.04 8.60
C TYR A 185 10.11 -9.52 9.71
N LYS A 186 11.36 -9.97 9.71
CA LYS A 186 12.37 -9.60 10.69
C LYS A 186 13.60 -9.09 9.96
N LYS A 187 14.09 -7.92 10.37
CA LYS A 187 15.27 -7.31 9.75
C LYS A 187 16.54 -8.14 9.98
N ASP B 5 -5.97 -11.09 17.35
CA ASP B 5 -6.81 -10.12 16.65
C ASP B 5 -6.07 -9.48 15.49
N ASP B 6 -6.58 -8.53 14.88
CA ASP B 6 -6.16 -7.59 13.85
C ASP B 6 -6.51 -6.21 14.41
N PRO B 7 -5.75 -5.18 14.03
CA PRO B 7 -6.01 -3.86 14.59
C PRO B 7 -7.28 -3.14 14.16
N LEU B 8 -8.22 -3.80 13.50
CA LEU B 8 -9.47 -3.23 13.00
C LEU B 8 -10.68 -4.13 13.26
#